data_4EUM
#
_entry.id   4EUM
#
_cell.length_a   79.540
_cell.length_b   49.528
_cell.length_c   83.267
_cell.angle_alpha   90.000
_cell.angle_beta   101.500
_cell.angle_gamma   90.000
#
_symmetry.space_group_name_H-M   'P 1 21 1'
#
loop_
_entity.id
_entity.type
_entity.pdbx_description
1 polymer 2-dehydro-3-deoxygluconokinase
2 non-polymer 'ADENOSINE MONOPHOSPHATE'
3 non-polymer 'CHLORIDE ION'
4 non-polymer 'MAGNESIUM ION'
5 water water
#
_entity_poly.entity_id   1
_entity_poly.type   'polypeptide(L)'
_entity_poly.pdbx_seq_one_letter_code
;MHHHHHHSSGVDLGTENLYFQSMMHILSIGECMAELAPADLPGTYRLGFAGDTFNTAWYLARLRPESRISYFSAIGDDAL
SQQMRAAMSAAGIDGGGLRVIPGRTVGLYLITLEQGERSFAYWRGQSAARELAGDADALAAAMARADVVYFSGITLAILD
QCGRATLLRALAQARATGRTIAFDPNLRPRLWAGTGEMTETIMQGAAVSDIALPSFEDEAAWFGDAGPDATADRYARAGV
RSVVVKNGPHAVHFLQDGRRGRVPVPPVAQVVDTTAAGDSFNAGLLDSVLAGQPLETAIAAAAALAGQVVQGKGALVEVP
SLRPHADA
;
_entity_poly.pdbx_strand_id   A,B
#
# COMPACT_ATOMS: atom_id res chain seq x y z
N GLY A 10 -25.16 -11.76 -7.18
CA GLY A 10 -24.84 -12.89 -8.02
C GLY A 10 -24.80 -14.20 -7.23
N VAL A 11 -25.21 -14.11 -5.97
CA VAL A 11 -25.27 -15.27 -5.08
C VAL A 11 -26.67 -15.41 -4.52
N ASP A 12 -27.31 -16.55 -4.75
CA ASP A 12 -28.69 -16.81 -4.30
C ASP A 12 -28.76 -16.74 -2.78
N LEU A 13 -29.75 -16.03 -2.27
CA LEU A 13 -29.87 -15.82 -0.84
C LEU A 13 -31.06 -16.55 -0.26
N GLY A 14 -31.67 -17.41 -1.08
CA GLY A 14 -32.79 -18.22 -0.62
C GLY A 14 -34.08 -17.41 -0.53
N THR A 15 -35.03 -17.90 0.26
CA THR A 15 -36.31 -17.23 0.42
C THR A 15 -36.58 -17.01 1.91
N GLU A 16 -37.65 -16.29 2.22
CA GLU A 16 -38.03 -16.07 3.61
C GLU A 16 -39.52 -15.81 3.74
N ASN A 17 -40.03 -15.98 4.96
CA ASN A 17 -41.33 -15.43 5.33
C ASN A 17 -41.11 -14.55 6.55
N LEU A 18 -42.18 -14.19 7.24
CA LEU A 18 -42.02 -13.29 8.38
C LEU A 18 -41.27 -13.97 9.52
N TYR A 19 -41.29 -15.30 9.51
CA TYR A 19 -40.87 -16.05 10.70
C TYR A 19 -39.55 -16.81 10.52
N PHE A 20 -39.37 -17.40 9.35
CA PHE A 20 -38.17 -18.19 9.07
C PHE A 20 -37.64 -17.90 7.68
N GLN A 21 -36.33 -18.05 7.52
CA GLN A 21 -35.67 -17.95 6.23
C GLN A 21 -35.28 -19.36 5.79
N SER A 22 -35.20 -19.59 4.48
CA SER A 22 -34.86 -20.91 3.98
C SER A 22 -33.40 -21.27 4.26
N MET A 23 -32.54 -20.26 4.38
CA MET A 23 -31.11 -20.49 4.64
C MET A 23 -30.74 -19.94 6.01
N MET A 24 -29.93 -20.70 6.76
CA MET A 24 -29.27 -20.13 7.92
C MET A 24 -28.27 -19.08 7.41
N HIS A 25 -28.01 -18.07 8.24
CA HIS A 25 -27.28 -16.89 7.77
C HIS A 25 -26.17 -16.54 8.77
N ILE A 26 -24.93 -16.49 8.29
CA ILE A 26 -23.81 -16.03 9.12
C ILE A 26 -23.22 -14.82 8.43
N LEU A 27 -22.93 -13.79 9.24
CA LEU A 27 -22.32 -12.59 8.72
C LEU A 27 -20.96 -12.49 9.36
N SER A 28 -19.92 -12.28 8.54
N SER A 28 -19.93 -12.27 8.55
CA SER A 28 -18.58 -12.02 9.08
CA SER A 28 -18.59 -12.00 9.06
C SER A 28 -18.25 -10.57 8.76
C SER A 28 -18.27 -10.55 8.77
N ILE A 29 -17.62 -9.88 9.72
CA ILE A 29 -17.33 -8.46 9.57
C ILE A 29 -15.84 -8.21 9.76
N GLY A 30 -15.19 -7.58 8.79
CA GLY A 30 -13.78 -7.24 8.96
C GLY A 30 -13.14 -6.83 7.65
N GLU A 31 -11.83 -7.03 7.54
CA GLU A 31 -11.09 -6.61 6.35
C GLU A 31 -10.60 -7.76 5.49
N CYS A 32 -10.94 -7.71 4.20
CA CYS A 32 -10.40 -8.60 3.21
C CYS A 32 -9.29 -7.82 2.52
N MET A 33 -8.14 -8.44 2.31
CA MET A 33 -7.06 -7.72 1.63
C MET A 33 -6.63 -8.46 0.39
N ALA A 34 -6.06 -7.70 -0.54
CA ALA A 34 -5.36 -8.30 -1.67
C ALA A 34 -4.09 -8.97 -1.15
N GLU A 35 -3.81 -10.16 -1.66
CA GLU A 35 -2.61 -10.89 -1.27
C GLU A 35 -1.78 -11.18 -2.49
N LEU A 36 -0.51 -10.82 -2.43
CA LEU A 36 0.43 -11.19 -3.48
C LEU A 36 1.36 -12.26 -2.90
N ALA A 37 1.37 -13.43 -3.52
CA ALA A 37 2.20 -14.54 -3.06
C ALA A 37 3.01 -15.07 -4.22
N PRO A 38 4.18 -15.66 -3.94
CA PRO A 38 5.07 -16.15 -5.01
C PRO A 38 4.39 -17.14 -5.95
N ALA A 39 4.52 -16.90 -7.25
CA ALA A 39 4.15 -17.89 -8.25
C ALA A 39 5.39 -18.72 -8.55
N ASP A 40 5.32 -19.63 -9.53
CA ASP A 40 6.47 -20.47 -9.85
C ASP A 40 7.56 -19.68 -10.55
N LEU A 41 7.16 -18.91 -11.56
CA LEU A 41 8.08 -18.07 -12.30
C LEU A 41 8.70 -17.05 -11.34
N PRO A 42 10.03 -17.13 -11.16
CA PRO A 42 10.72 -16.30 -10.17
C PRO A 42 10.53 -14.81 -10.42
N GLY A 43 10.29 -14.05 -9.36
CA GLY A 43 10.04 -12.62 -9.49
C GLY A 43 8.61 -12.29 -9.86
N THR A 44 7.78 -13.31 -9.99
CA THR A 44 6.36 -13.12 -10.23
C THR A 44 5.50 -13.58 -9.05
N TYR A 45 4.33 -12.97 -8.93
CA TYR A 45 3.44 -13.19 -7.80
C TYR A 45 2.00 -13.37 -8.28
N ARG A 46 1.25 -14.24 -7.61
CA ARG A 46 -0.17 -14.40 -7.92
C ARG A 46 -1.01 -13.56 -6.98
N LEU A 47 -2.03 -12.91 -7.54
CA LEU A 47 -2.93 -12.05 -6.78
C LEU A 47 -4.13 -12.85 -6.29
N GLY A 48 -4.36 -12.82 -4.98
CA GLY A 48 -5.53 -13.47 -4.42
C GLY A 48 -6.11 -12.55 -3.37
N PHE A 49 -7.07 -13.07 -2.61
CA PHE A 49 -7.71 -12.28 -1.56
C PHE A 49 -7.79 -13.07 -0.26
N ALA A 50 -7.50 -12.40 0.86
CA ALA A 50 -7.43 -13.08 2.15
C ALA A 50 -7.58 -12.04 3.27
N GLY A 51 -7.34 -12.46 4.51
CA GLY A 51 -7.62 -11.60 5.65
C GLY A 51 -8.43 -12.42 6.63
N ASP A 52 -8.17 -12.26 7.93
CA ASP A 52 -8.65 -13.22 8.92
C ASP A 52 -10.14 -13.57 8.86
N THR A 53 -11.00 -12.55 8.95
CA THR A 53 -12.42 -12.79 8.99
C THR A 53 -12.93 -13.24 7.63
N PHE A 54 -12.27 -12.79 6.56
CA PHE A 54 -12.68 -13.24 5.23
C PHE A 54 -12.32 -14.71 5.05
N ASN A 55 -11.15 -15.11 5.52
CA ASN A 55 -10.74 -16.52 5.46
C ASN A 55 -11.76 -17.43 6.14
N THR A 56 -12.25 -17.00 7.31
CA THR A 56 -13.22 -17.79 8.05
C THR A 56 -14.50 -17.93 7.24
N ALA A 57 -14.94 -16.82 6.64
CA ALA A 57 -16.11 -16.80 5.76
C ALA A 57 -15.91 -17.71 4.56
N TRP A 58 -14.72 -17.65 3.96
CA TRP A 58 -14.39 -18.50 2.83
C TRP A 58 -14.55 -19.97 3.18
N TYR A 59 -13.99 -20.39 4.31
CA TYR A 59 -14.13 -21.78 4.75
C TYR A 59 -15.57 -22.16 5.09
N LEU A 60 -16.29 -21.25 5.73
CA LEU A 60 -17.68 -21.48 6.11
C LEU A 60 -18.53 -21.74 4.87
N ALA A 61 -18.28 -20.97 3.82
CA ALA A 61 -19.04 -21.14 2.56
C ALA A 61 -18.79 -22.51 1.97
N ARG A 62 -17.55 -22.98 2.05
CA ARG A 62 -17.23 -24.32 1.57
C ARG A 62 -17.92 -25.38 2.39
N LEU A 63 -17.95 -25.19 3.71
CA LEU A 63 -18.54 -26.16 4.63
C LEU A 63 -20.05 -26.24 4.51
N ARG A 64 -20.72 -25.13 4.22
CA ARG A 64 -22.17 -25.18 4.15
C ARG A 64 -22.69 -24.45 2.92
N PRO A 65 -22.64 -25.13 1.78
CA PRO A 65 -23.19 -24.59 0.54
C PRO A 65 -24.68 -24.27 0.68
N GLU A 66 -25.34 -24.91 1.64
CA GLU A 66 -26.78 -24.75 1.84
C GLU A 66 -27.15 -23.44 2.54
N SER A 67 -26.14 -22.75 3.06
CA SER A 67 -26.39 -21.57 3.90
C SER A 67 -25.95 -20.26 3.22
N ARG A 68 -26.31 -19.14 3.84
CA ARG A 68 -25.93 -17.81 3.35
C ARG A 68 -24.79 -17.26 4.20
N ILE A 69 -23.62 -17.12 3.60
CA ILE A 69 -22.46 -16.59 4.31
C ILE A 69 -22.20 -15.23 3.71
N SER A 70 -22.38 -14.19 4.53
CA SER A 70 -22.29 -12.80 4.09
C SER A 70 -21.02 -12.18 4.66
N TYR A 71 -20.48 -11.20 3.95
CA TYR A 71 -19.31 -10.47 4.46
C TYR A 71 -19.62 -8.99 4.44
N PHE A 72 -19.36 -8.30 5.55
CA PHE A 72 -19.58 -6.86 5.59
C PHE A 72 -18.25 -6.16 5.79
N SER A 73 -17.95 -5.21 4.91
CA SER A 73 -16.69 -4.48 4.96
C SER A 73 -16.87 -3.25 4.08
N ALA A 74 -15.76 -2.56 3.82
CA ALA A 74 -15.79 -1.45 2.87
C ALA A 74 -14.63 -1.63 1.91
N ILE A 75 -14.86 -1.30 0.64
CA ILE A 75 -13.86 -1.44 -0.40
C ILE A 75 -13.81 -0.15 -1.20
N GLY A 76 -12.90 -0.07 -2.17
CA GLY A 76 -12.80 1.11 -3.00
C GLY A 76 -13.67 0.98 -4.24
N ASP A 77 -13.44 1.85 -5.22
CA ASP A 77 -14.23 1.83 -6.44
C ASP A 77 -13.33 1.66 -7.66
N ASP A 78 -12.15 1.08 -7.44
CA ASP A 78 -11.17 0.88 -8.50
C ASP A 78 -11.21 -0.56 -9.00
N ALA A 79 -10.40 -0.88 -10.01
CA ALA A 79 -10.37 -2.22 -10.59
C ALA A 79 -10.06 -3.32 -9.57
N LEU A 80 -9.11 -3.07 -8.67
CA LEU A 80 -8.74 -4.07 -7.69
C LEU A 80 -9.90 -4.38 -6.73
N SER A 81 -10.61 -3.34 -6.32
CA SER A 81 -11.77 -3.51 -5.44
C SER A 81 -12.85 -4.33 -6.14
N GLN A 82 -13.06 -4.05 -7.40
CA GLN A 82 -14.04 -4.81 -8.16
C GLN A 82 -13.62 -6.28 -8.32
N GLN A 83 -12.31 -6.54 -8.41
CA GLN A 83 -11.82 -7.92 -8.47
C GLN A 83 -12.07 -8.66 -7.17
N MET A 84 -11.88 -7.97 -6.06
CA MET A 84 -12.15 -8.54 -4.73
C MET A 84 -13.63 -8.90 -4.62
N ARG A 85 -14.49 -8.01 -5.08
CA ARG A 85 -15.93 -8.28 -5.03
C ARG A 85 -16.25 -9.55 -5.84
N ALA A 86 -15.67 -9.66 -7.03
CA ALA A 86 -15.96 -10.81 -7.89
C ALA A 86 -15.43 -12.10 -7.28
N ALA A 87 -14.26 -12.03 -6.64
CA ALA A 87 -13.69 -13.20 -5.98
C ALA A 87 -14.56 -13.67 -4.82
N MET A 88 -15.15 -12.73 -4.07
CA MET A 88 -16.03 -13.13 -2.98
C MET A 88 -17.22 -13.92 -3.54
N SER A 89 -17.83 -13.40 -4.61
CA SER A 89 -18.99 -14.04 -5.20
C SER A 89 -18.66 -15.43 -5.74
N ALA A 90 -17.51 -15.56 -6.40
CA ALA A 90 -17.06 -16.85 -6.91
C ALA A 90 -16.95 -17.84 -5.74
N ALA A 91 -16.50 -17.34 -4.60
CA ALA A 91 -16.31 -18.17 -3.40
C ALA A 91 -17.62 -18.49 -2.68
N GLY A 92 -18.73 -17.97 -3.19
CA GLY A 92 -20.03 -18.28 -2.62
C GLY A 92 -20.42 -17.36 -1.47
N ILE A 93 -19.63 -16.30 -1.30
CA ILE A 93 -19.86 -15.35 -0.22
C ILE A 93 -20.74 -14.18 -0.71
N ASP A 94 -21.72 -13.81 0.11
CA ASP A 94 -22.61 -12.69 -0.17
C ASP A 94 -21.95 -11.37 0.19
N GLY A 95 -21.57 -10.59 -0.81
CA GLY A 95 -20.92 -9.32 -0.58
C GLY A 95 -21.85 -8.16 -0.87
N GLY A 96 -23.15 -8.45 -0.89
CA GLY A 96 -24.14 -7.45 -1.26
C GLY A 96 -24.17 -6.23 -0.35
N GLY A 97 -23.66 -6.39 0.85
CA GLY A 97 -23.65 -5.30 1.81
C GLY A 97 -22.38 -4.46 1.86
N LEU A 98 -21.37 -4.84 1.08
CA LEU A 98 -20.11 -4.09 1.04
C LEU A 98 -20.34 -2.61 0.77
N ARG A 99 -19.67 -1.76 1.54
CA ARG A 99 -19.75 -0.33 1.29
C ARG A 99 -18.62 0.05 0.35
N VAL A 100 -18.86 1.02 -0.52
CA VAL A 100 -17.86 1.49 -1.47
C VAL A 100 -17.45 2.90 -1.08
N ILE A 101 -16.15 3.08 -0.85
CA ILE A 101 -15.62 4.38 -0.46
C ILE A 101 -14.85 4.95 -1.65
N PRO A 102 -15.48 5.87 -2.40
CA PRO A 102 -14.87 6.40 -3.62
C PRO A 102 -13.49 7.00 -3.35
N GLY A 103 -12.55 6.79 -4.28
CA GLY A 103 -11.22 7.32 -4.15
C GLY A 103 -10.28 6.48 -3.31
N ARG A 104 -10.82 5.50 -2.59
CA ARG A 104 -10.00 4.66 -1.76
C ARG A 104 -9.75 3.32 -2.44
N THR A 105 -8.82 2.55 -1.89
CA THR A 105 -8.62 1.19 -2.39
C THR A 105 -8.52 0.27 -1.18
N VAL A 106 -8.42 -1.02 -1.47
CA VAL A 106 -8.33 -2.05 -0.46
C VAL A 106 -6.92 -2.13 0.08
N GLY A 107 -6.76 -2.85 1.18
CA GLY A 107 -5.43 -3.08 1.74
C GLY A 107 -4.77 -4.20 0.97
N LEU A 108 -3.46 -4.30 1.10
CA LEU A 108 -2.68 -5.26 0.33
C LEU A 108 -1.54 -5.81 1.16
N TYR A 109 -1.23 -7.09 0.98
CA TYR A 109 0.02 -7.58 1.55
C TYR A 109 0.79 -8.46 0.57
N LEU A 110 2.11 -8.49 0.73
CA LEU A 110 3.00 -9.20 -0.17
C LEU A 110 3.81 -10.22 0.64
N ILE A 111 3.87 -11.46 0.15
CA ILE A 111 4.63 -12.50 0.81
C ILE A 111 5.96 -12.73 0.08
N PHE A 120 5.94 -11.44 5.31
CA PHE A 120 4.70 -10.72 5.04
C PHE A 120 4.93 -9.22 5.18
N ALA A 121 4.75 -8.47 4.08
CA ALA A 121 4.81 -7.01 4.12
C ALA A 121 3.41 -6.43 3.86
N TYR A 122 3.03 -5.40 4.62
CA TYR A 122 1.64 -4.92 4.63
C TYR A 122 1.45 -3.45 4.27
N TRP A 123 0.43 -3.19 3.44
CA TRP A 123 -0.03 -1.83 3.16
C TRP A 123 -1.54 -1.78 3.42
N ARG A 124 -1.94 -1.38 4.63
CA ARG A 124 -3.37 -1.41 4.99
C ARG A 124 -3.76 -0.21 5.83
N GLY A 125 -2.82 0.71 6.03
CA GLY A 125 -3.04 1.83 6.92
C GLY A 125 -4.05 2.85 6.44
N GLN A 126 -4.38 2.80 5.14
CA GLN A 126 -5.34 3.74 4.55
C GLN A 126 -6.44 3.00 3.77
N SER A 127 -6.62 1.71 4.06
CA SER A 127 -7.57 0.90 3.29
C SER A 127 -9.01 1.35 3.53
N ALA A 128 -9.88 1.12 2.54
CA ALA A 128 -11.28 1.52 2.67
C ALA A 128 -11.97 0.81 3.84
N ALA A 129 -11.49 -0.39 4.15
CA ALA A 129 -12.09 -1.23 5.20
C ALA A 129 -12.09 -0.53 6.56
N ARG A 130 -11.20 0.45 6.74
CA ARG A 130 -11.13 1.17 8.00
C ARG A 130 -12.36 2.03 8.22
N GLU A 131 -13.15 2.20 7.16
CA GLU A 131 -14.38 2.97 7.23
C GLU A 131 -15.61 2.07 7.39
N LEU A 132 -15.41 0.80 7.72
CA LEU A 132 -16.53 -0.15 7.68
C LEU A 132 -17.58 0.15 8.74
N ALA A 133 -17.20 0.92 9.75
CA ALA A 133 -18.16 1.26 10.80
C ALA A 133 -18.65 2.68 10.66
N GLY A 134 -18.48 3.26 9.46
CA GLY A 134 -18.84 4.65 9.24
C GLY A 134 -20.33 4.91 9.16
N ASP A 135 -21.09 3.86 8.87
CA ASP A 135 -22.53 3.96 8.68
C ASP A 135 -23.22 2.99 9.64
N ALA A 136 -23.78 3.51 10.73
CA ALA A 136 -24.36 2.65 11.76
C ALA A 136 -25.59 1.89 11.26
N ASP A 137 -26.43 2.56 10.48
CA ASP A 137 -27.61 1.91 9.93
C ASP A 137 -27.25 0.73 9.00
N ALA A 138 -26.18 0.87 8.23
CA ALA A 138 -25.75 -0.20 7.33
C ALA A 138 -25.28 -1.44 8.10
N LEU A 139 -24.55 -1.22 9.19
CA LEU A 139 -24.13 -2.31 10.08
C LEU A 139 -25.34 -3.03 10.65
N ALA A 140 -26.29 -2.27 11.18
CA ALA A 140 -27.48 -2.87 11.79
C ALA A 140 -28.30 -3.67 10.79
N ALA A 141 -28.40 -3.17 9.57
CA ALA A 141 -29.16 -3.88 8.54
C ALA A 141 -28.47 -5.17 8.14
N ALA A 142 -27.15 -5.14 8.09
CA ALA A 142 -26.38 -6.35 7.74
C ALA A 142 -26.60 -7.45 8.79
N MET A 143 -26.72 -7.05 10.06
CA MET A 143 -26.88 -8.02 11.15
C MET A 143 -28.31 -8.55 11.32
N ALA A 144 -29.29 -7.81 10.82
CA ALA A 144 -30.69 -8.22 10.97
C ALA A 144 -30.94 -9.60 10.35
N ARG A 145 -31.63 -10.43 11.11
CA ARG A 145 -31.94 -11.81 10.75
C ARG A 145 -30.75 -12.74 10.53
N ALA A 146 -29.54 -12.25 10.80
CA ALA A 146 -28.39 -13.15 10.76
C ALA A 146 -28.52 -14.06 11.95
N ASP A 147 -28.08 -15.31 11.81
CA ASP A 147 -28.14 -16.20 12.97
C ASP A 147 -26.92 -15.99 13.82
N VAL A 148 -25.77 -15.81 13.16
CA VAL A 148 -24.51 -15.60 13.83
C VAL A 148 -23.83 -14.38 13.22
N VAL A 149 -23.20 -13.57 14.06
CA VAL A 149 -22.36 -12.47 13.58
C VAL A 149 -20.97 -12.72 14.12
N TYR A 150 -19.96 -12.75 13.24
CA TYR A 150 -18.59 -13.10 13.63
C TYR A 150 -17.70 -11.91 13.34
N PHE A 151 -16.81 -11.58 14.27
CA PHE A 151 -15.83 -10.52 14.02
C PHE A 151 -14.55 -10.87 14.78
N SER A 152 -13.49 -10.10 14.56
CA SER A 152 -12.21 -10.38 15.22
C SER A 152 -11.59 -9.15 15.84
N GLY A 153 -10.51 -9.37 16.59
CA GLY A 153 -9.77 -8.27 17.16
C GLY A 153 -9.10 -7.43 16.08
N ILE A 154 -8.90 -8.01 14.89
CA ILE A 154 -8.40 -7.20 13.78
C ILE A 154 -9.48 -6.24 13.28
N THR A 155 -10.73 -6.73 13.22
CA THR A 155 -11.85 -5.86 12.90
C THR A 155 -11.86 -4.62 13.80
N LEU A 156 -11.62 -4.83 15.10
CA LEU A 156 -11.61 -3.73 16.05
C LEU A 156 -10.38 -2.83 15.84
N ALA A 157 -9.22 -3.45 15.64
CA ALA A 157 -7.95 -2.73 15.52
C ALA A 157 -7.96 -1.66 14.42
N ILE A 158 -8.55 -1.99 13.28
CA ILE A 158 -8.44 -1.09 12.13
C ILE A 158 -9.37 0.11 12.21
N LEU A 159 -10.31 0.08 13.14
CA LEU A 159 -11.24 1.20 13.31
C LEU A 159 -10.70 2.27 14.25
N ASP A 160 -11.14 3.51 14.07
CA ASP A 160 -10.85 4.54 15.06
C ASP A 160 -11.79 4.36 16.25
N GLN A 161 -11.66 5.24 17.24
N GLN A 161 -11.67 5.23 17.26
CA GLN A 161 -12.44 5.17 18.47
CA GLN A 161 -12.47 5.10 18.48
C GLN A 161 -13.95 5.20 18.22
C GLN A 161 -13.97 5.17 18.21
N CYS A 162 -14.38 6.07 17.31
CA CYS A 162 -15.79 6.24 16.98
C CYS A 162 -16.35 5.01 16.27
N GLY A 163 -15.58 4.48 15.32
CA GLY A 163 -15.95 3.28 14.60
C GLY A 163 -16.01 2.09 15.55
N ARG A 164 -15.07 2.02 16.47
CA ARG A 164 -15.12 0.96 17.48
C ARG A 164 -16.40 1.04 18.30
N ALA A 165 -16.72 2.21 18.81
CA ALA A 165 -17.96 2.38 19.61
C ALA A 165 -19.21 1.99 18.79
N THR A 166 -19.26 2.44 17.54
CA THR A 166 -20.37 2.12 16.64
C THR A 166 -20.52 0.63 16.43
N LEU A 167 -19.42 -0.05 16.13
CA LEU A 167 -19.47 -1.49 15.89
C LEU A 167 -19.88 -2.25 17.16
N LEU A 168 -19.24 -1.93 18.28
CA LEU A 168 -19.58 -2.62 19.53
C LEU A 168 -21.04 -2.39 19.95
N ARG A 169 -21.55 -1.19 19.73
CA ARG A 169 -22.93 -0.93 20.08
C ARG A 169 -23.87 -1.73 19.20
N ALA A 170 -23.56 -1.81 17.91
CA ALA A 170 -24.40 -2.60 17.00
C ALA A 170 -24.35 -4.09 17.36
N LEU A 171 -23.16 -4.59 17.65
CA LEU A 171 -23.00 -5.99 18.06
C LEU A 171 -23.81 -6.29 19.34
N ALA A 172 -23.74 -5.40 20.33
CA ALA A 172 -24.49 -5.63 21.57
C ALA A 172 -26.00 -5.54 21.36
N GLN A 173 -26.43 -4.63 20.48
CA GLN A 173 -27.86 -4.54 20.17
C GLN A 173 -28.30 -5.81 19.42
N ALA A 174 -27.45 -6.31 18.53
CA ALA A 174 -27.77 -7.53 17.81
C ALA A 174 -27.90 -8.67 18.80
N ARG A 175 -26.95 -8.74 19.72
CA ARG A 175 -26.96 -9.77 20.77
C ARG A 175 -28.23 -9.69 21.62
N ALA A 176 -28.69 -8.47 21.89
CA ALA A 176 -29.88 -8.29 22.69
C ALA A 176 -31.15 -8.79 21.99
N THR A 177 -31.11 -8.86 20.65
CA THR A 177 -32.24 -9.36 19.87
C THR A 177 -32.18 -10.87 19.56
N GLY A 178 -31.14 -11.55 20.00
CA GLY A 178 -31.06 -12.99 19.81
C GLY A 178 -30.06 -13.45 18.74
N ARG A 179 -29.38 -12.52 18.08
CA ARG A 179 -28.28 -12.92 17.19
C ARG A 179 -27.17 -13.47 18.07
N THR A 180 -26.54 -14.56 17.63
CA THR A 180 -25.42 -15.11 18.39
C THR A 180 -24.14 -14.43 17.92
N ILE A 181 -23.39 -13.88 18.87
CA ILE A 181 -22.17 -13.13 18.50
C ILE A 181 -20.90 -13.96 18.78
N ALA A 182 -20.03 -14.10 17.78
CA ALA A 182 -18.80 -14.88 17.93
C ALA A 182 -17.61 -13.97 17.68
N PHE A 183 -16.58 -14.13 18.50
CA PHE A 183 -15.42 -13.23 18.47
C PHE A 183 -14.10 -14.01 18.48
N ASP A 184 -13.18 -13.67 17.59
CA ASP A 184 -11.81 -14.19 17.72
C ASP A 184 -10.90 -13.02 18.00
N PRO A 185 -10.32 -12.98 19.20
CA PRO A 185 -9.49 -11.86 19.63
C PRO A 185 -8.37 -11.54 18.64
N ASN A 186 -7.75 -12.59 18.08
CA ASN A 186 -6.72 -12.42 17.06
C ASN A 186 -5.76 -11.26 17.33
N LEU A 187 -5.05 -11.33 18.46
CA LEU A 187 -4.16 -10.23 18.83
C LEU A 187 -3.05 -9.97 17.81
N ARG A 188 -2.97 -8.73 17.33
CA ARG A 188 -1.94 -8.30 16.38
C ARG A 188 -1.37 -6.96 16.82
N PRO A 189 -0.35 -6.98 17.68
CA PRO A 189 0.21 -5.76 18.28
C PRO A 189 0.48 -4.63 17.29
N ARG A 190 1.06 -4.93 16.14
CA ARG A 190 1.43 -3.90 15.16
C ARG A 190 0.26 -3.03 14.68
N LEU A 191 -0.96 -3.57 14.77
CA LEU A 191 -2.14 -2.86 14.28
C LEU A 191 -2.71 -1.90 15.31
N TRP A 192 -2.17 -1.92 16.52
CA TRP A 192 -2.68 -1.07 17.59
C TRP A 192 -1.72 0.05 17.95
N ALA A 193 -2.27 1.16 18.42
CA ALA A 193 -1.47 2.32 18.81
C ALA A 193 -0.63 2.01 20.06
N GLY A 194 -1.12 1.11 20.89
CA GLY A 194 -0.44 0.74 22.12
C GLY A 194 -0.95 -0.54 22.75
N THR A 195 -0.13 -1.12 23.64
CA THR A 195 -0.46 -2.35 24.34
C THR A 195 -1.74 -2.22 25.17
N GLY A 196 -1.84 -1.12 25.90
CA GLY A 196 -2.98 -0.90 26.78
C GLY A 196 -4.27 -0.82 25.98
N GLU A 197 -4.26 0.00 24.94
CA GLU A 197 -5.42 0.18 24.09
C GLU A 197 -5.83 -1.17 23.52
N MET A 198 -4.85 -1.94 23.07
CA MET A 198 -5.11 -3.26 22.53
C MET A 198 -5.83 -4.17 23.52
N THR A 199 -5.32 -4.30 24.73
CA THR A 199 -5.95 -5.22 25.67
C THR A 199 -7.33 -4.77 26.14
N GLU A 200 -7.48 -3.47 26.41
CA GLU A 200 -8.78 -2.93 26.81
C GLU A 200 -9.84 -3.10 25.72
N THR A 201 -9.44 -2.81 24.48
CA THR A 201 -10.40 -2.94 23.38
C THR A 201 -10.79 -4.38 23.07
N ILE A 202 -9.83 -5.30 23.13
CA ILE A 202 -10.14 -6.70 22.95
C ILE A 202 -11.18 -7.13 24.00
N MET A 203 -11.00 -6.73 25.25
CA MET A 203 -11.98 -7.14 26.26
C MET A 203 -13.35 -6.47 26.06
N GLN A 204 -13.38 -5.30 25.40
CA GLN A 204 -14.64 -4.68 25.05
C GLN A 204 -15.33 -5.53 23.99
N GLY A 205 -14.54 -6.10 23.08
CA GLY A 205 -15.07 -7.03 22.09
C GLY A 205 -15.66 -8.28 22.76
N ALA A 206 -14.91 -8.82 23.72
CA ALA A 206 -15.38 -9.95 24.52
C ALA A 206 -16.73 -9.64 25.20
N ALA A 207 -16.89 -8.40 25.66
CA ALA A 207 -18.08 -8.00 26.42
C ALA A 207 -19.37 -8.01 25.58
N VAL A 208 -19.24 -8.06 24.26
CA VAL A 208 -20.43 -8.16 23.41
C VAL A 208 -20.64 -9.54 22.80
N SER A 209 -19.78 -10.50 23.18
CA SER A 209 -19.72 -11.78 22.49
C SER A 209 -20.25 -12.95 23.30
N ASP A 210 -21.02 -13.82 22.65
CA ASP A 210 -21.47 -15.07 23.26
C ASP A 210 -20.40 -16.15 23.18
N ILE A 211 -19.66 -16.15 22.07
CA ILE A 211 -18.65 -17.16 21.82
C ILE A 211 -17.32 -16.45 21.59
N ALA A 212 -16.28 -16.85 22.32
CA ALA A 212 -14.94 -16.30 22.07
C ALA A 212 -13.96 -17.43 21.77
N LEU A 213 -13.06 -17.16 20.84
CA LEU A 213 -12.13 -18.17 20.29
C LEU A 213 -10.68 -17.69 20.43
N PRO A 214 -10.21 -17.48 21.67
CA PRO A 214 -8.84 -16.96 21.78
C PRO A 214 -7.79 -18.00 21.53
N SER A 215 -6.55 -17.55 21.34
CA SER A 215 -5.42 -18.45 21.23
C SER A 215 -4.48 -18.24 22.41
N PHE A 216 -4.25 -19.30 23.17
CA PHE A 216 -3.48 -19.17 24.40
C PHE A 216 -2.09 -18.56 24.22
N GLU A 217 -1.36 -18.95 23.18
CA GLU A 217 -0.02 -18.39 22.95
C GLU A 217 0.02 -16.85 22.94
N ASP A 218 -0.89 -16.23 22.19
N ASP A 218 -0.89 -16.23 22.19
CA ASP A 218 -0.94 -14.77 22.09
CA ASP A 218 -0.94 -14.77 22.09
C ASP A 218 -1.54 -14.13 23.35
C ASP A 218 -1.54 -14.13 23.35
N GLU A 219 -2.53 -14.78 23.93
CA GLU A 219 -3.21 -14.23 25.09
C GLU A 219 -2.23 -14.18 26.25
N ALA A 220 -1.45 -15.24 26.43
CA ALA A 220 -0.57 -15.36 27.59
C ALA A 220 0.47 -14.26 27.62
N ALA A 221 0.95 -13.89 26.44
CA ALA A 221 2.00 -12.87 26.33
C ALA A 221 1.52 -11.48 26.74
N TRP A 222 0.22 -11.25 26.67
CA TRP A 222 -0.32 -9.91 26.81
C TRP A 222 -1.25 -9.74 28.02
N PHE A 223 -1.88 -10.82 28.46
CA PHE A 223 -2.82 -10.75 29.58
C PHE A 223 -2.27 -11.41 30.85
N GLY A 224 -1.18 -12.17 30.69
CA GLY A 224 -0.54 -12.84 31.81
C GLY A 224 -1.25 -14.09 32.28
N ASP A 225 -2.04 -14.69 31.40
CA ASP A 225 -2.77 -15.91 31.75
C ASP A 225 -1.83 -17.05 32.15
N ALA A 226 -2.18 -17.73 33.24
CA ALA A 226 -1.38 -18.84 33.76
C ALA A 226 -1.42 -20.10 32.90
N GLY A 227 -2.52 -20.27 32.17
CA GLY A 227 -2.73 -21.48 31.38
C GLY A 227 -4.02 -21.25 30.62
N PRO A 228 -4.38 -22.19 29.74
CA PRO A 228 -5.59 -21.96 28.93
C PRO A 228 -6.88 -21.81 29.77
N ASP A 229 -6.95 -22.48 30.92
CA ASP A 229 -8.15 -22.29 31.78
C ASP A 229 -8.27 -20.88 32.33
N ALA A 230 -7.13 -20.26 32.62
CA ALA A 230 -7.13 -18.87 33.07
C ALA A 230 -7.59 -17.97 31.94
N THR A 231 -7.15 -18.28 30.72
CA THR A 231 -7.62 -17.52 29.56
C THR A 231 -9.14 -17.63 29.45
N ALA A 232 -9.65 -18.84 29.59
CA ALA A 232 -11.09 -19.09 29.52
C ALA A 232 -11.80 -18.27 30.59
N ASP A 233 -11.28 -18.27 31.82
CA ASP A 233 -11.89 -17.51 32.92
C ASP A 233 -11.99 -16.03 32.61
N ARG A 234 -10.94 -15.47 32.02
CA ARG A 234 -10.91 -14.05 31.68
C ARG A 234 -12.04 -13.70 30.73
N TYR A 235 -12.24 -14.51 29.69
CA TYR A 235 -13.36 -14.27 28.78
C TYR A 235 -14.72 -14.49 29.45
N ALA A 236 -14.84 -15.53 30.26
CA ALA A 236 -16.09 -15.74 30.98
C ALA A 236 -16.48 -14.56 31.89
N ARG A 237 -15.52 -13.90 32.52
CA ARG A 237 -15.87 -12.78 33.39
C ARG A 237 -16.46 -11.62 32.60
N ALA A 238 -16.14 -11.57 31.31
CA ALA A 238 -16.67 -10.54 30.42
C ALA A 238 -18.06 -10.92 29.90
N GLY A 239 -18.54 -12.09 30.28
CA GLY A 239 -19.89 -12.49 29.93
C GLY A 239 -19.99 -13.46 28.76
N VAL A 240 -18.83 -13.90 28.27
CA VAL A 240 -18.80 -14.87 27.17
C VAL A 240 -19.32 -16.22 27.66
N ARG A 241 -20.28 -16.79 26.93
CA ARG A 241 -20.93 -18.01 27.41
C ARG A 241 -20.15 -19.25 27.03
N SER A 242 -19.52 -19.22 25.86
CA SER A 242 -18.77 -20.38 25.39
C SER A 242 -17.37 -19.92 24.97
N VAL A 243 -16.36 -20.27 25.77
CA VAL A 243 -14.99 -19.88 25.44
C VAL A 243 -14.25 -21.11 24.99
N VAL A 244 -13.63 -21.02 23.80
CA VAL A 244 -12.90 -22.15 23.23
C VAL A 244 -11.47 -21.70 23.02
N VAL A 245 -10.55 -22.25 23.79
CA VAL A 245 -9.19 -21.74 23.80
C VAL A 245 -8.28 -22.61 22.94
N LYS A 246 -7.87 -22.07 21.79
CA LYS A 246 -6.93 -22.80 20.93
C LYS A 246 -5.54 -22.72 21.56
N ASN A 247 -4.71 -23.73 21.29
CA ASN A 247 -3.37 -23.77 21.86
C ASN A 247 -2.45 -24.62 20.99
N GLY A 248 -2.27 -24.21 19.74
CA GLY A 248 -1.40 -24.93 18.82
C GLY A 248 -1.78 -26.40 18.74
N PRO A 249 -0.79 -27.28 18.99
CA PRO A 249 -1.00 -28.72 18.84
C PRO A 249 -1.59 -29.34 20.10
N HIS A 250 -1.79 -28.54 21.14
CA HIS A 250 -2.22 -29.07 22.44
C HIS A 250 -3.73 -29.12 22.55
N ALA A 251 -4.23 -29.81 23.58
CA ALA A 251 -5.69 -29.93 23.76
C ALA A 251 -6.35 -28.57 23.82
N VAL A 252 -7.56 -28.48 23.26
CA VAL A 252 -8.34 -27.26 23.32
C VAL A 252 -9.11 -27.29 24.63
N HIS A 253 -8.96 -26.27 25.47
CA HIS A 253 -9.76 -26.15 26.68
C HIS A 253 -11.00 -25.33 26.40
N PHE A 254 -12.11 -25.65 27.08
CA PHE A 254 -13.29 -24.83 26.91
C PHE A 254 -13.94 -24.52 28.26
N LEU A 255 -14.74 -23.48 28.27
CA LEU A 255 -15.49 -23.12 29.45
C LEU A 255 -16.86 -22.66 28.99
N GLN A 256 -17.90 -23.31 29.48
CA GLN A 256 -19.24 -22.94 29.03
C GLN A 256 -20.19 -22.94 30.22
N ASP A 257 -20.74 -21.76 30.52
CA ASP A 257 -21.64 -21.61 31.66
C ASP A 257 -21.06 -22.24 32.92
N GLY A 258 -19.77 -22.02 33.14
CA GLY A 258 -19.11 -22.50 34.35
C GLY A 258 -18.63 -23.93 34.29
N ARG A 259 -18.88 -24.61 33.16
CA ARG A 259 -18.43 -25.98 32.99
C ARG A 259 -17.14 -26.03 32.17
N ARG A 260 -16.12 -26.68 32.74
CA ARG A 260 -14.82 -26.79 32.04
C ARG A 260 -14.70 -28.11 31.30
N GLY A 261 -13.88 -28.11 30.25
CA GLY A 261 -13.64 -29.32 29.51
C GLY A 261 -12.40 -29.19 28.65
N ARG A 262 -11.96 -30.32 28.08
CA ARG A 262 -10.83 -30.33 27.16
C ARG A 262 -11.18 -31.25 26.01
N VAL A 263 -10.75 -30.87 24.81
CA VAL A 263 -10.94 -31.70 23.62
C VAL A 263 -9.60 -31.89 22.93
N PRO A 264 -9.20 -33.14 22.67
CA PRO A 264 -7.86 -33.35 22.12
C PRO A 264 -7.74 -32.87 20.68
N VAL A 265 -6.51 -32.57 20.29
CA VAL A 265 -6.19 -32.21 18.91
C VAL A 265 -5.30 -33.34 18.40
N PRO A 266 -5.82 -34.15 17.48
CA PRO A 266 -5.06 -35.31 17.00
C PRO A 266 -3.73 -34.90 16.39
N PRO A 267 -2.64 -35.63 16.73
CA PRO A 267 -1.31 -35.24 16.26
C PRO A 267 -1.21 -35.20 14.75
N VAL A 268 -0.59 -34.14 14.23
CA VAL A 268 -0.34 -33.95 12.81
C VAL A 268 1.19 -33.92 12.60
N ALA A 269 1.72 -34.81 11.77
CA ALA A 269 3.17 -34.88 11.61
C ALA A 269 3.69 -34.00 10.48
N GLN A 270 3.23 -34.26 9.26
CA GLN A 270 3.71 -33.51 8.10
C GLN A 270 3.01 -32.14 7.99
N VAL A 271 3.45 -31.23 8.85
CA VAL A 271 2.92 -29.86 8.95
C VAL A 271 3.52 -28.95 7.87
N VAL A 272 2.67 -28.13 7.23
CA VAL A 272 3.15 -27.25 6.17
C VAL A 272 2.94 -25.75 6.41
N ASP A 273 1.72 -25.31 6.71
CA ASP A 273 1.48 -23.89 6.95
C ASP A 273 0.36 -23.57 7.95
N THR A 274 0.74 -23.04 9.11
CA THR A 274 -0.22 -22.76 10.18
C THR A 274 -0.87 -21.37 10.09
N THR A 275 -0.65 -20.64 9.00
CA THR A 275 -1.20 -19.29 8.88
C THR A 275 -2.73 -19.26 8.95
N ALA A 276 -3.38 -20.16 8.23
CA ALA A 276 -4.85 -20.20 8.17
C ALA A 276 -5.46 -21.14 9.21
N ALA A 277 -4.62 -21.67 10.09
CA ALA A 277 -5.06 -22.64 11.10
C ALA A 277 -6.22 -22.13 11.94
N GLY A 278 -6.03 -20.97 12.55
CA GLY A 278 -7.03 -20.40 13.43
C GLY A 278 -8.29 -20.07 12.66
N ASP A 279 -8.15 -19.47 11.47
CA ASP A 279 -9.34 -19.06 10.73
C ASP A 279 -10.16 -20.26 10.27
N SER A 280 -9.50 -21.33 9.85
CA SER A 280 -10.22 -22.55 9.45
C SER A 280 -10.85 -23.25 10.66
N PHE A 281 -10.14 -23.27 11.79
CA PHE A 281 -10.71 -23.78 13.05
C PHE A 281 -12.00 -23.06 13.36
N ASN A 282 -11.96 -21.74 13.30
CA ASN A 282 -13.14 -20.93 13.62
C ASN A 282 -14.33 -21.27 12.73
N ALA A 283 -14.07 -21.45 11.45
CA ALA A 283 -15.16 -21.77 10.52
C ALA A 283 -15.72 -23.15 10.86
N GLY A 284 -14.83 -24.11 11.14
CA GLY A 284 -15.25 -25.45 11.52
C GLY A 284 -16.11 -25.45 12.77
N LEU A 285 -15.70 -24.65 13.74
CA LEU A 285 -16.46 -24.56 14.99
C LEU A 285 -17.85 -23.99 14.76
N LEU A 286 -17.90 -22.86 14.05
CA LEU A 286 -19.16 -22.16 13.84
C LEU A 286 -20.12 -23.00 13.00
N ASP A 287 -19.58 -23.75 12.04
CA ASP A 287 -20.40 -24.62 11.17
C ASP A 287 -21.10 -25.67 12.02
N SER A 288 -20.35 -26.27 12.92
CA SER A 288 -20.91 -27.32 13.75
C SER A 288 -21.89 -26.75 14.78
N VAL A 289 -21.57 -25.59 15.35
CA VAL A 289 -22.51 -24.90 16.24
C VAL A 289 -23.84 -24.58 15.53
N LEU A 290 -23.76 -24.01 14.33
CA LEU A 290 -24.99 -23.73 13.56
C LEU A 290 -25.81 -24.98 13.29
N ALA A 291 -25.14 -26.13 13.22
CA ALA A 291 -25.84 -27.39 12.97
C ALA A 291 -26.44 -27.94 14.26
N GLY A 292 -26.28 -27.24 15.37
CA GLY A 292 -26.87 -27.71 16.63
C GLY A 292 -26.12 -28.85 17.29
N GLN A 293 -24.84 -29.01 16.95
CA GLN A 293 -24.03 -30.04 17.60
C GLN A 293 -23.52 -29.51 18.94
N PRO A 294 -23.35 -30.39 19.93
CA PRO A 294 -22.84 -29.98 21.23
C PRO A 294 -21.44 -29.39 21.10
N LEU A 295 -21.07 -28.49 22.01
CA LEU A 295 -19.81 -27.76 21.87
C LEU A 295 -18.61 -28.69 21.69
N GLU A 296 -18.55 -29.79 22.45
CA GLU A 296 -17.40 -30.69 22.35
C GLU A 296 -17.28 -31.31 20.96
N THR A 297 -18.43 -31.63 20.38
CA THR A 297 -18.46 -32.14 19.03
C THR A 297 -17.96 -31.09 18.05
N ALA A 298 -18.40 -29.85 18.24
CA ALA A 298 -18.04 -28.76 17.35
C ALA A 298 -16.54 -28.49 17.43
N ILE A 299 -15.98 -28.57 18.63
CA ILE A 299 -14.54 -28.33 18.77
C ILE A 299 -13.73 -29.42 18.06
N ALA A 300 -14.15 -30.68 18.21
CA ALA A 300 -13.48 -31.77 17.50
C ALA A 300 -13.55 -31.57 15.99
N ALA A 301 -14.72 -31.16 15.49
CA ALA A 301 -14.85 -30.88 14.04
C ALA A 301 -13.91 -29.76 13.62
N ALA A 302 -13.79 -28.74 14.47
CA ALA A 302 -12.92 -27.61 14.18
C ALA A 302 -11.45 -28.00 14.16
N ALA A 303 -11.03 -28.82 15.14
CA ALA A 303 -9.67 -29.33 15.18
C ALA A 303 -9.38 -30.15 13.94
N ALA A 304 -10.35 -30.96 13.53
CA ALA A 304 -10.09 -31.86 12.39
C ALA A 304 -9.87 -31.06 11.10
N LEU A 305 -10.67 -30.02 10.90
CA LEU A 305 -10.53 -29.18 9.71
C LEU A 305 -9.21 -28.42 9.73
N ALA A 306 -8.90 -27.78 10.85
CA ALA A 306 -7.63 -27.05 10.98
C ALA A 306 -6.45 -27.98 10.74
N GLY A 307 -6.56 -29.20 11.24
CA GLY A 307 -5.52 -30.21 11.04
C GLY A 307 -5.28 -30.48 9.57
N GLN A 308 -6.35 -30.50 8.78
CA GLN A 308 -6.19 -30.75 7.35
C GLN A 308 -5.55 -29.53 6.69
N VAL A 309 -5.97 -28.36 7.14
CA VAL A 309 -5.49 -27.11 6.57
C VAL A 309 -4.00 -26.86 6.84
N VAL A 310 -3.56 -27.11 8.08
CA VAL A 310 -2.14 -26.93 8.40
C VAL A 310 -1.24 -27.86 7.59
N GLN A 311 -1.79 -28.98 7.13
CA GLN A 311 -1.05 -29.90 6.29
C GLN A 311 -1.05 -29.42 4.84
N GLY B 10 28.65 -2.23 -5.56
CA GLY B 10 29.05 -2.75 -6.85
C GLY B 10 29.24 -1.68 -7.91
N VAL B 11 28.54 -0.56 -7.74
CA VAL B 11 28.61 0.54 -8.70
C VAL B 11 29.90 1.38 -8.53
N ASP B 12 30.62 1.57 -9.63
CA ASP B 12 31.87 2.32 -9.63
C ASP B 12 31.61 3.80 -9.37
N LEU B 13 32.19 4.33 -8.29
CA LEU B 13 32.00 5.74 -7.95
C LEU B 13 33.16 6.61 -8.45
N GLY B 14 34.12 5.99 -9.12
CA GLY B 14 35.26 6.72 -9.67
C GLY B 14 36.18 7.18 -8.57
N THR B 15 36.97 8.22 -8.85
CA THR B 15 37.88 8.77 -7.85
C THR B 15 37.67 10.26 -7.74
N GLU B 16 38.43 10.90 -6.86
CA GLU B 16 38.39 12.35 -6.77
C GLU B 16 39.66 12.88 -6.12
N ASN B 17 39.92 14.17 -6.31
CA ASN B 17 40.87 14.91 -5.49
C ASN B 17 40.09 16.08 -4.91
N LEU B 18 40.75 17.11 -4.40
CA LEU B 18 40.05 18.23 -3.76
C LEU B 18 39.27 19.09 -4.75
N TYR B 19 39.66 19.01 -6.01
CA TYR B 19 39.23 19.99 -6.99
C TYR B 19 38.28 19.40 -8.02
N PHE B 20 38.54 18.17 -8.45
CA PHE B 20 37.70 17.55 -9.48
C PHE B 20 37.43 16.08 -9.17
N GLN B 21 36.34 15.55 -9.72
CA GLN B 21 36.04 14.12 -9.59
C GLN B 21 36.20 13.48 -10.95
N SER B 22 36.54 12.19 -10.98
CA SER B 22 36.78 11.53 -12.25
C SER B 22 35.48 11.35 -13.03
N MET B 23 34.36 11.34 -12.30
CA MET B 23 33.04 11.20 -12.93
C MET B 23 32.15 12.42 -12.72
N MET B 24 31.42 12.80 -13.77
N MET B 24 31.43 12.83 -13.76
CA MET B 24 30.35 13.79 -13.64
CA MET B 24 30.38 13.82 -13.59
C MET B 24 29.31 13.18 -12.68
C MET B 24 29.31 13.21 -12.69
N HIS B 25 28.69 14.02 -11.84
CA HIS B 25 27.82 13.53 -10.79
C HIS B 25 26.43 14.18 -10.82
N ILE B 26 25.39 13.34 -11.00
CA ILE B 26 24.02 13.81 -10.94
C ILE B 26 23.32 13.15 -9.78
N LEU B 27 22.66 13.95 -8.94
CA LEU B 27 21.84 13.37 -7.87
C LEU B 27 20.36 13.54 -8.17
N SER B 28 19.60 12.46 -8.05
CA SER B 28 18.16 12.54 -8.20
C SER B 28 17.56 12.27 -6.82
N ILE B 29 16.57 13.06 -6.44
CA ILE B 29 15.97 12.94 -5.11
C ILE B 29 14.48 12.69 -5.23
N GLY B 30 13.98 11.66 -4.56
CA GLY B 30 12.55 11.40 -4.60
C GLY B 30 12.19 9.99 -4.17
N GLU B 31 11.03 9.51 -4.63
CA GLU B 31 10.56 8.21 -4.19
C GLU B 31 10.59 7.16 -5.28
N CYS B 32 11.25 6.04 -4.99
CA CYS B 32 11.16 4.85 -5.83
C CYS B 32 10.16 3.89 -5.20
N MET B 33 9.30 3.27 -6.02
CA MET B 33 8.27 2.36 -5.49
C MET B 33 8.40 0.94 -6.03
N ALA B 34 7.92 -0.03 -5.25
CA ALA B 34 7.75 -1.36 -5.79
C ALA B 34 6.63 -1.24 -6.81
N GLU B 35 6.79 -1.90 -7.95
CA GLU B 35 5.78 -1.89 -8.99
C GLU B 35 5.42 -3.33 -9.32
N LEU B 36 4.13 -3.63 -9.26
CA LEU B 36 3.66 -4.93 -9.74
C LEU B 36 2.86 -4.71 -11.01
N ALA B 37 3.33 -5.35 -12.09
CA ALA B 37 2.77 -5.19 -13.42
C ALA B 37 2.43 -6.57 -13.98
N PRO B 38 1.40 -6.67 -14.82
CA PRO B 38 0.97 -7.96 -15.37
C PRO B 38 2.09 -8.81 -15.97
N ALA B 39 2.16 -10.07 -15.56
CA ALA B 39 3.12 -10.98 -16.16
C ALA B 39 2.42 -11.77 -17.25
N ASP B 40 3.14 -12.69 -17.90
CA ASP B 40 2.57 -13.50 -18.98
C ASP B 40 1.46 -14.41 -18.49
N LEU B 41 1.70 -15.10 -17.39
CA LEU B 41 0.71 -16.02 -16.83
C LEU B 41 -0.43 -15.23 -16.18
N PRO B 42 -1.67 -15.47 -16.62
CA PRO B 42 -2.85 -14.76 -16.10
C PRO B 42 -2.98 -14.88 -14.58
N GLY B 43 -3.31 -13.77 -13.93
CA GLY B 43 -3.45 -13.75 -12.48
C GLY B 43 -2.14 -13.47 -11.77
N THR B 44 -1.06 -13.34 -12.55
CA THR B 44 0.26 -13.13 -11.97
C THR B 44 0.88 -11.79 -12.34
N TYR B 45 1.85 -11.36 -11.54
CA TYR B 45 2.41 -10.02 -11.64
C TYR B 45 3.91 -10.04 -11.40
N ARG B 46 4.63 -9.26 -12.19
CA ARG B 46 6.09 -9.15 -12.05
C ARG B 46 6.46 -7.99 -11.13
N LEU B 47 7.32 -8.27 -10.16
CA LEU B 47 7.82 -7.25 -9.25
C LEU B 47 9.00 -6.52 -9.87
N GLY B 48 8.83 -5.20 -10.01
CA GLY B 48 9.90 -4.35 -10.49
C GLY B 48 9.99 -3.14 -9.59
N PHE B 49 10.81 -2.17 -9.97
CA PHE B 49 10.88 -0.92 -9.21
C PHE B 49 10.84 0.30 -10.13
N ALA B 50 10.12 1.32 -9.70
CA ALA B 50 9.95 2.55 -10.47
C ALA B 50 9.41 3.69 -9.61
N GLY B 51 9.24 4.85 -10.23
CA GLY B 51 8.91 6.08 -9.53
C GLY B 51 9.55 7.16 -10.36
N ASP B 52 8.91 8.31 -10.51
CA ASP B 52 9.31 9.30 -11.51
C ASP B 52 10.80 9.70 -11.47
N THR B 53 11.29 10.15 -10.32
CA THR B 53 12.68 10.58 -10.24
C THR B 53 13.63 9.40 -10.41
N PHE B 54 13.22 8.24 -9.94
CA PHE B 54 14.04 7.04 -10.09
C PHE B 54 14.13 6.67 -11.57
N ASN B 55 13.02 6.76 -12.30
CA ASN B 55 13.05 6.44 -13.73
C ASN B 55 14.04 7.32 -14.46
N THR B 56 14.03 8.61 -14.14
CA THR B 56 14.96 9.55 -14.77
C THR B 56 16.41 9.15 -14.50
N ALA B 57 16.71 8.82 -13.25
CA ALA B 57 18.03 8.28 -12.91
C ALA B 57 18.36 7.01 -13.70
N TRP B 58 17.38 6.12 -13.81
CA TRP B 58 17.55 4.87 -14.56
C TRP B 58 17.97 5.14 -16.00
N TYR B 59 17.27 6.06 -16.66
CA TYR B 59 17.64 6.40 -18.04
C TYR B 59 19.02 7.07 -18.13
N LEU B 60 19.33 7.94 -17.16
CA LEU B 60 20.63 8.60 -17.13
C LEU B 60 21.78 7.59 -17.06
N ALA B 61 21.63 6.58 -16.20
CA ALA B 61 22.65 5.56 -16.03
C ALA B 61 22.92 4.82 -17.34
N ARG B 62 21.88 4.65 -18.15
CA ARG B 62 22.06 4.04 -19.46
C ARG B 62 22.72 5.02 -20.45
N LEU B 63 22.33 6.29 -20.38
CA LEU B 63 22.87 7.29 -21.31
C LEU B 63 24.35 7.57 -21.05
N ARG B 64 24.73 7.60 -19.78
CA ARG B 64 26.12 7.87 -19.44
C ARG B 64 26.63 6.90 -18.36
N PRO B 65 26.97 5.68 -18.78
CA PRO B 65 27.39 4.62 -17.86
C PRO B 65 28.75 4.90 -17.26
N GLU B 66 29.41 5.97 -17.74
CA GLU B 66 30.73 6.32 -17.25
C GLU B 66 30.62 7.36 -16.15
N SER B 67 29.40 7.82 -15.91
CA SER B 67 29.17 8.89 -14.95
C SER B 67 28.64 8.32 -13.65
N ARG B 68 28.53 9.16 -12.64
CA ARG B 68 28.00 8.76 -11.36
C ARG B 68 26.56 9.24 -11.22
N ILE B 69 25.62 8.30 -11.24
CA ILE B 69 24.21 8.66 -11.14
C ILE B 69 23.72 8.19 -9.78
N SER B 70 23.44 9.14 -8.89
CA SER B 70 23.10 8.80 -7.52
C SER B 70 21.62 9.02 -7.25
N TYR B 71 21.07 8.24 -6.32
CA TYR B 71 19.68 8.41 -5.93
C TYR B 71 19.60 8.63 -4.43
N PHE B 72 18.90 9.68 -4.02
CA PHE B 72 18.71 9.94 -2.61
C PHE B 72 17.25 9.76 -2.25
N SER B 73 17.00 8.96 -1.21
CA SER B 73 15.66 8.65 -0.76
C SER B 73 15.73 7.93 0.57
N ALA B 74 14.60 7.42 1.03
CA ALA B 74 14.56 6.61 2.24
C ALA B 74 13.80 5.33 1.96
N ILE B 75 14.30 4.23 2.50
CA ILE B 75 13.65 2.93 2.36
C ILE B 75 13.48 2.32 3.75
N GLY B 76 12.78 1.18 3.82
CA GLY B 76 12.63 0.48 5.08
C GLY B 76 13.78 -0.49 5.34
N ASP B 77 13.56 -1.44 6.25
CA ASP B 77 14.60 -2.40 6.57
C ASP B 77 14.16 -3.84 6.30
N ASP B 78 13.04 -3.98 5.60
CA ASP B 78 12.50 -5.30 5.29
C ASP B 78 13.08 -5.91 4.01
N ALA B 79 12.61 -7.10 3.68
CA ALA B 79 13.09 -7.82 2.49
C ALA B 79 12.90 -6.97 1.26
N LEU B 80 11.70 -6.44 1.12
CA LEU B 80 11.35 -5.63 -0.06
C LEU B 80 12.23 -4.40 -0.23
N SER B 81 12.59 -3.75 0.87
CA SER B 81 13.51 -2.62 0.83
C SER B 81 14.90 -3.01 0.33
N GLN B 82 15.41 -4.14 0.82
N GLN B 82 15.39 -4.14 0.84
CA GLN B 82 16.72 -4.61 0.37
CA GLN B 82 16.68 -4.69 0.41
C GLN B 82 16.65 -4.98 -1.11
C GLN B 82 16.63 -4.94 -1.09
N GLN B 83 15.52 -5.53 -1.53
CA GLN B 83 15.31 -5.86 -2.93
C GLN B 83 15.39 -4.61 -3.81
N MET B 84 14.82 -3.52 -3.32
CA MET B 84 14.85 -2.27 -4.05
C MET B 84 16.29 -1.76 -4.13
N ARG B 85 16.99 -1.83 -3.00
CA ARG B 85 18.38 -1.37 -2.93
C ARG B 85 19.23 -2.13 -3.93
N ALA B 86 19.01 -3.45 -4.00
CA ALA B 86 19.72 -4.29 -4.95
C ALA B 86 19.41 -3.91 -6.40
N ALA B 87 18.14 -3.67 -6.68
CA ALA B 87 17.72 -3.32 -8.04
C ALA B 87 18.38 -2.03 -8.52
N MET B 88 18.55 -1.08 -7.59
CA MET B 88 19.26 0.16 -7.93
C MET B 88 20.69 -0.12 -8.39
N SER B 89 21.43 -0.93 -7.63
CA SER B 89 22.82 -1.25 -7.93
C SER B 89 22.91 -1.97 -9.25
N ALA B 90 21.99 -2.89 -9.49
CA ALA B 90 21.94 -3.63 -10.75
C ALA B 90 21.72 -2.68 -11.92
N ALA B 91 20.99 -1.60 -11.68
CA ALA B 91 20.74 -0.61 -12.72
C ALA B 91 21.88 0.39 -12.89
N GLY B 92 22.93 0.24 -12.10
CA GLY B 92 24.09 1.13 -12.21
C GLY B 92 23.87 2.44 -11.48
N ILE B 93 22.94 2.44 -10.53
CA ILE B 93 22.63 3.66 -9.79
C ILE B 93 23.23 3.58 -8.37
N ASP B 94 23.90 4.66 -7.98
CA ASP B 94 24.57 4.72 -6.68
C ASP B 94 23.55 5.03 -5.57
N GLY B 95 23.26 4.05 -4.72
CA GLY B 95 22.30 4.22 -3.64
C GLY B 95 22.96 4.31 -2.27
N GLY B 96 24.22 4.75 -2.26
CA GLY B 96 24.99 4.83 -1.02
C GLY B 96 24.42 5.77 0.03
N GLY B 97 23.64 6.76 -0.41
CA GLY B 97 23.07 7.71 0.52
C GLY B 97 21.71 7.34 1.09
N LEU B 98 21.12 6.24 0.60
CA LEU B 98 19.77 5.84 1.03
C LEU B 98 19.64 5.75 2.56
N ARG B 99 18.66 6.45 3.11
CA ARG B 99 18.38 6.35 4.54
C ARG B 99 17.53 5.11 4.80
N VAL B 100 17.80 4.43 5.91
CA VAL B 100 16.98 3.29 6.32
C VAL B 100 16.09 3.70 7.49
N ILE B 101 14.79 3.48 7.35
CA ILE B 101 13.83 3.87 8.37
C ILE B 101 13.24 2.61 8.97
N PRO B 102 13.76 2.20 10.15
CA PRO B 102 13.31 0.95 10.79
C PRO B 102 11.80 0.87 10.99
N GLY B 103 11.26 -0.33 10.85
CA GLY B 103 9.86 -0.56 11.10
C GLY B 103 8.98 -0.21 9.90
N ARG B 104 9.59 0.27 8.83
CA ARG B 104 8.79 0.65 7.68
C ARG B 104 9.18 -0.01 6.37
N THR B 105 8.39 0.25 5.34
CA THR B 105 8.63 -0.36 4.06
C THR B 105 8.44 0.69 2.98
N VAL B 106 8.70 0.29 1.75
CA VAL B 106 8.63 1.21 0.63
C VAL B 106 7.18 1.32 0.16
N GLY B 107 6.93 2.29 -0.72
CA GLY B 107 5.62 2.41 -1.33
C GLY B 107 5.50 1.40 -2.45
N LEU B 108 4.27 1.07 -2.83
CA LEU B 108 4.03 0.05 -3.84
C LEU B 108 2.88 0.50 -4.74
N TYR B 109 2.93 0.11 -6.00
CA TYR B 109 1.77 0.26 -6.87
C TYR B 109 1.55 -0.96 -7.75
N LEU B 110 0.28 -1.15 -8.12
CA LEU B 110 -0.12 -2.29 -8.90
C LEU B 110 -0.78 -1.79 -10.17
N ILE B 111 -0.34 -2.36 -11.30
CA ILE B 111 -0.97 -2.07 -12.59
C ILE B 111 -1.87 -3.25 -12.94
N THR B 112 -3.16 -2.99 -13.10
CA THR B 112 -4.08 -4.04 -13.55
C THR B 112 -4.49 -3.82 -14.99
N LEU B 113 -4.86 -4.91 -15.65
CA LEU B 113 -5.08 -4.91 -17.10
C LEU B 113 -6.39 -5.58 -17.45
N GLU B 117 -8.37 -2.77 -20.32
CA GLU B 117 -8.13 -1.47 -19.71
C GLU B 117 -7.01 -1.52 -18.67
N ARG B 118 -6.13 -0.53 -18.70
CA ARG B 118 -5.01 -0.44 -17.78
C ARG B 118 -5.33 0.52 -16.64
N SER B 119 -5.17 0.06 -15.39
CA SER B 119 -5.42 0.93 -14.24
C SER B 119 -4.36 0.78 -13.15
N PHE B 120 -4.18 1.83 -12.36
CA PHE B 120 -3.15 1.87 -11.33
C PHE B 120 -3.78 1.98 -9.95
N ALA B 121 -3.22 1.25 -8.98
CA ALA B 121 -3.55 1.45 -7.57
C ALA B 121 -2.24 1.73 -6.84
N TYR B 122 -2.28 2.67 -5.89
CA TYR B 122 -1.09 3.09 -5.17
C TYR B 122 -1.26 2.87 -3.67
N TRP B 123 -0.19 2.41 -3.03
CA TRP B 123 -0.08 2.38 -1.59
C TRP B 123 1.25 3.05 -1.24
N ARG B 124 1.23 4.36 -1.05
CA ARG B 124 2.45 5.11 -0.77
C ARG B 124 2.25 6.12 0.36
N GLY B 125 1.09 6.06 1.00
CA GLY B 125 0.73 7.06 2.00
C GLY B 125 1.56 7.02 3.26
N GLN B 126 2.20 5.88 3.52
CA GLN B 126 3.00 5.74 4.73
C GLN B 126 4.41 5.26 4.43
N SER B 127 4.85 5.45 3.18
CA SER B 127 6.15 4.96 2.74
C SER B 127 7.32 5.59 3.48
N ALA B 128 8.42 4.85 3.60
CA ALA B 128 9.64 5.37 4.21
C ALA B 128 10.15 6.61 3.50
N ALA B 129 9.89 6.68 2.19
CA ALA B 129 10.40 7.77 1.37
C ALA B 129 9.92 9.14 1.87
N ARG B 130 8.77 9.15 2.54
CA ARG B 130 8.21 10.40 3.06
C ARG B 130 9.10 11.01 4.15
N GLU B 131 10.06 10.22 4.63
CA GLU B 131 11.04 10.71 5.60
C GLU B 131 12.35 11.14 4.97
N LEU B 132 12.39 11.29 3.64
CA LEU B 132 13.70 11.55 3.01
C LEU B 132 14.34 12.89 3.38
N ALA B 133 13.54 13.84 3.87
CA ALA B 133 14.11 15.13 4.27
C ALA B 133 14.13 15.29 5.79
N GLY B 134 14.15 14.16 6.50
CA GLY B 134 14.21 14.18 7.94
C GLY B 134 15.58 14.51 8.49
N ASP B 135 16.62 14.21 7.71
CA ASP B 135 17.99 14.46 8.13
C ASP B 135 18.61 15.51 7.21
N ALA B 136 18.67 16.75 7.69
CA ALA B 136 19.17 17.85 6.86
C ALA B 136 20.63 17.67 6.45
N ASP B 137 21.45 17.19 7.37
CA ASP B 137 22.87 16.98 7.11
C ASP B 137 23.12 15.94 6.01
N ALA B 138 22.34 14.86 6.00
CA ALA B 138 22.50 13.82 4.99
C ALA B 138 22.16 14.35 3.58
N LEU B 139 21.20 15.26 3.51
CA LEU B 139 20.81 15.87 2.24
C LEU B 139 21.94 16.71 1.66
N ALA B 140 22.48 17.60 2.50
CA ALA B 140 23.53 18.52 2.10
C ALA B 140 24.73 17.73 1.59
N ALA B 141 25.10 16.70 2.36
CA ALA B 141 26.21 15.83 2.01
C ALA B 141 25.99 15.11 0.67
N ALA B 142 24.75 14.66 0.45
CA ALA B 142 24.43 14.00 -0.83
C ALA B 142 24.60 14.95 -2.01
N MET B 143 24.29 16.23 -1.79
CA MET B 143 24.38 17.25 -2.84
C MET B 143 25.77 17.87 -3.05
N ALA B 144 26.62 17.82 -2.03
CA ALA B 144 27.81 18.69 -1.95
C ALA B 144 28.69 18.72 -3.19
N ARG B 145 28.95 17.56 -3.79
CA ARG B 145 29.79 17.52 -4.99
C ARG B 145 29.03 17.07 -6.24
N ALA B 146 27.71 17.19 -6.20
CA ALA B 146 26.88 16.88 -7.35
C ALA B 146 26.99 18.00 -8.39
N ASP B 147 27.12 17.64 -9.66
CA ASP B 147 27.09 18.65 -10.72
C ASP B 147 25.65 19.12 -10.96
N VAL B 148 24.72 18.17 -10.90
CA VAL B 148 23.30 18.47 -11.07
C VAL B 148 22.55 17.77 -9.95
N VAL B 149 21.59 18.47 -9.37
CA VAL B 149 20.64 17.86 -8.43
C VAL B 149 19.26 17.99 -9.06
N TYR B 150 18.56 16.86 -9.14
CA TYR B 150 17.25 16.79 -9.82
C TYR B 150 16.20 16.34 -8.82
N PHE B 151 15.07 17.04 -8.81
CA PHE B 151 13.92 16.63 -7.98
C PHE B 151 12.62 16.94 -8.69
N SER B 152 11.50 16.50 -8.15
CA SER B 152 10.23 16.74 -8.82
C SER B 152 9.15 17.24 -7.88
N GLY B 153 8.01 17.59 -8.45
CA GLY B 153 6.85 17.99 -7.64
C GLY B 153 6.33 16.84 -6.81
N ILE B 154 6.63 15.61 -7.24
CA ILE B 154 6.26 14.45 -6.43
C ILE B 154 7.16 14.36 -5.21
N THR B 155 8.44 14.72 -5.38
CA THR B 155 9.36 14.78 -4.25
C THR B 155 8.81 15.74 -3.20
N LEU B 156 8.30 16.89 -3.64
CA LEU B 156 7.72 17.86 -2.71
C LEU B 156 6.42 17.34 -2.10
N ALA B 157 5.54 16.82 -2.94
CA ALA B 157 4.22 16.36 -2.49
C ALA B 157 4.28 15.41 -1.29
N ILE B 158 5.20 14.45 -1.34
CA ILE B 158 5.17 13.37 -0.35
C ILE B 158 5.67 13.79 1.04
N LEU B 159 6.35 14.94 1.10
CA LEU B 159 6.93 15.44 2.36
C LEU B 159 5.93 16.29 3.12
N ASP B 160 6.04 16.30 4.45
CA ASP B 160 5.23 17.24 5.23
C ASP B 160 5.83 18.66 5.15
N GLN B 161 5.22 19.60 5.88
CA GLN B 161 5.66 20.99 5.83
C GLN B 161 7.13 21.18 6.18
N CYS B 162 7.56 20.51 7.26
N CYS B 162 7.57 20.53 7.26
CA CYS B 162 8.94 20.62 7.73
CA CYS B 162 8.95 20.65 7.71
C CYS B 162 9.93 20.00 6.75
C CYS B 162 9.93 20.01 6.73
N GLY B 163 9.53 18.88 6.15
CA GLY B 163 10.36 18.19 5.18
C GLY B 163 10.56 19.05 3.95
N ARG B 164 9.48 19.68 3.48
CA ARG B 164 9.57 20.56 2.32
C ARG B 164 10.53 21.71 2.58
N ALA B 165 10.41 22.34 3.74
CA ALA B 165 11.29 23.45 4.12
C ALA B 165 12.75 23.01 4.10
N THR B 166 13.00 21.86 4.69
CA THR B 166 14.36 21.32 4.79
C THR B 166 14.93 21.03 3.41
N LEU B 167 14.11 20.42 2.57
CA LEU B 167 14.55 20.11 1.21
C LEU B 167 14.83 21.37 0.39
N LEU B 168 13.91 22.33 0.46
CA LEU B 168 14.07 23.57 -0.31
C LEU B 168 15.28 24.39 0.17
N ARG B 169 15.50 24.40 1.48
CA ARG B 169 16.64 25.15 2.01
C ARG B 169 17.95 24.53 1.55
N ALA B 170 17.99 23.19 1.51
CA ALA B 170 19.20 22.49 1.06
C ALA B 170 19.47 22.77 -0.42
N LEU B 171 18.42 22.66 -1.25
CA LEU B 171 18.54 22.91 -2.68
C LEU B 171 19.01 24.33 -2.94
N ALA B 172 18.46 25.28 -2.19
CA ALA B 172 18.79 26.69 -2.37
C ALA B 172 20.25 26.97 -2.01
N GLN B 173 20.75 26.34 -0.95
CA GLN B 173 22.13 26.56 -0.55
C GLN B 173 23.09 25.82 -1.48
N ALA B 174 22.70 24.63 -1.93
CA ALA B 174 23.44 23.92 -2.96
C ALA B 174 23.52 24.77 -4.22
N ARG B 175 22.39 25.34 -4.62
CA ARG B 175 22.34 26.21 -5.79
C ARG B 175 23.38 27.31 -5.64
N ALA B 176 23.42 27.94 -4.47
CA ALA B 176 24.31 29.06 -4.21
C ALA B 176 25.79 28.69 -4.30
N THR B 177 26.15 27.46 -3.92
CA THR B 177 27.54 27.03 -4.02
C THR B 177 27.94 26.64 -5.44
N GLY B 178 26.95 26.51 -6.32
CA GLY B 178 27.24 26.23 -7.71
C GLY B 178 26.74 24.91 -8.26
N ARG B 179 25.91 24.20 -7.49
CA ARG B 179 25.24 23.02 -8.03
C ARG B 179 24.13 23.50 -8.94
N THR B 180 23.93 22.81 -10.06
CA THR B 180 22.84 23.13 -10.97
C THR B 180 21.61 22.36 -10.54
N ILE B 181 20.52 23.07 -10.31
CA ILE B 181 19.30 22.47 -9.77
C ILE B 181 18.27 22.33 -10.88
N ALA B 182 17.75 21.11 -11.06
CA ALA B 182 16.77 20.86 -12.13
C ALA B 182 15.49 20.32 -11.50
N PHE B 183 14.35 20.74 -12.02
CA PHE B 183 13.06 20.48 -11.39
C PHE B 183 12.02 20.09 -12.42
N ASP B 184 11.30 19.00 -12.18
CA ASP B 184 10.12 18.67 -12.98
C ASP B 184 8.91 18.76 -12.06
N PRO B 185 8.07 19.79 -12.27
CA PRO B 185 6.90 20.05 -11.41
C PRO B 185 5.97 18.84 -11.30
N ASN B 186 5.82 18.08 -12.38
CA ASN B 186 5.14 16.78 -12.34
C ASN B 186 3.89 16.77 -11.46
N LEU B 187 2.92 17.59 -11.85
CA LEU B 187 1.72 17.81 -11.04
C LEU B 187 0.89 16.54 -10.93
N ARG B 188 0.67 16.10 -9.68
CA ARG B 188 -0.20 14.96 -9.39
C ARG B 188 -1.09 15.36 -8.22
N PRO B 189 -2.25 15.97 -8.53
CA PRO B 189 -3.17 16.52 -7.52
C PRO B 189 -3.51 15.55 -6.39
N ARG B 190 -3.63 14.26 -6.70
CA ARG B 190 -4.02 13.26 -5.70
C ARG B 190 -3.02 13.13 -4.54
N LEU B 191 -1.80 13.63 -4.73
CA LEU B 191 -0.75 13.54 -3.72
C LEU B 191 -0.73 14.73 -2.77
N TRP B 192 -1.56 15.74 -3.07
CA TRP B 192 -1.59 16.97 -2.30
C TRP B 192 -2.89 17.09 -1.50
N ALA B 193 -2.86 17.86 -0.42
CA ALA B 193 -4.05 18.06 0.40
C ALA B 193 -5.08 18.93 -0.32
N GLY B 194 -4.61 19.78 -1.22
CA GLY B 194 -5.47 20.68 -1.96
C GLY B 194 -4.74 21.37 -3.09
N THR B 195 -5.48 21.86 -4.07
CA THR B 195 -4.89 22.46 -5.26
C THR B 195 -4.12 23.74 -4.92
N GLY B 196 -4.61 24.51 -3.96
CA GLY B 196 -3.93 25.72 -3.54
C GLY B 196 -2.53 25.41 -3.02
N GLU B 197 -2.46 24.43 -2.12
CA GLU B 197 -1.19 23.97 -1.58
C GLU B 197 -0.23 23.47 -2.69
N MET B 198 -0.78 22.74 -3.64
CA MET B 198 0.04 22.21 -4.73
C MET B 198 0.68 23.31 -5.55
N THR B 199 -0.13 24.27 -6.03
CA THR B 199 0.41 25.32 -6.89
C THR B 199 1.44 26.20 -6.16
N GLU B 200 1.17 26.51 -4.90
CA GLU B 200 2.09 27.30 -4.10
C GLU B 200 3.40 26.58 -3.91
N THR B 201 3.33 25.31 -3.51
CA THR B 201 4.53 24.55 -3.20
C THR B 201 5.34 24.30 -4.46
N ILE B 202 4.66 24.02 -5.58
CA ILE B 202 5.35 23.84 -6.85
C ILE B 202 6.19 25.07 -7.21
N MET B 203 5.61 26.26 -7.03
CA MET B 203 6.35 27.48 -7.36
C MET B 203 7.48 27.76 -6.34
N GLN B 204 7.37 27.21 -5.14
CA GLN B 204 8.50 27.28 -4.19
C GLN B 204 9.63 26.42 -4.75
N GLY B 205 9.27 25.27 -5.32
CA GLY B 205 10.24 24.41 -5.97
C GLY B 205 10.91 25.14 -7.13
N ALA B 206 10.13 25.90 -7.88
CA ALA B 206 10.66 26.65 -9.02
C ALA B 206 11.68 27.69 -8.58
N ALA B 207 11.43 28.30 -7.41
CA ALA B 207 12.26 29.40 -6.93
C ALA B 207 13.69 28.98 -6.54
N VAL B 208 13.91 27.67 -6.41
CA VAL B 208 15.25 27.19 -6.07
C VAL B 208 15.91 26.51 -7.27
N SER B 209 15.26 26.54 -8.41
CA SER B 209 15.73 25.74 -9.55
C SER B 209 16.27 26.57 -10.72
N ASP B 210 17.32 26.06 -11.35
CA ASP B 210 17.90 26.73 -12.51
C ASP B 210 17.17 26.30 -13.77
N ILE B 211 16.86 25.01 -13.81
CA ILE B 211 16.19 24.38 -14.95
C ILE B 211 14.84 23.86 -14.51
N ALA B 212 13.79 24.17 -15.27
CA ALA B 212 12.48 23.62 -14.95
C ALA B 212 11.94 22.92 -16.18
N LEU B 213 11.28 21.78 -15.96
CA LEU B 213 10.77 20.96 -17.05
C LEU B 213 9.26 20.72 -16.94
N PRO B 214 8.45 21.80 -17.05
CA PRO B 214 7.01 21.58 -16.93
C PRO B 214 6.41 20.93 -18.17
N SER B 215 5.22 20.36 -17.99
CA SER B 215 4.42 19.84 -19.10
C SER B 215 3.22 20.76 -19.30
N PHE B 216 3.05 21.31 -20.50
CA PHE B 216 2.02 22.33 -20.72
C PHE B 216 0.62 21.88 -20.35
N GLU B 217 0.24 20.68 -20.76
CA GLU B 217 -1.10 20.14 -20.50
C GLU B 217 -1.49 20.23 -19.00
N ASP B 218 -0.58 19.83 -18.12
CA ASP B 218 -0.83 19.91 -16.68
C ASP B 218 -0.82 21.34 -16.13
N GLU B 219 0.16 22.14 -16.56
CA GLU B 219 0.31 23.51 -16.10
C GLU B 219 -0.90 24.34 -16.48
N ALA B 220 -1.39 24.14 -17.71
CA ALA B 220 -2.53 24.88 -18.20
C ALA B 220 -3.72 24.61 -17.29
N ALA B 221 -3.89 23.35 -16.93
CA ALA B 221 -5.05 22.93 -16.13
C ALA B 221 -5.05 23.57 -14.74
N TRP B 222 -3.88 23.69 -14.13
CA TRP B 222 -3.84 24.10 -12.73
C TRP B 222 -3.41 25.56 -12.51
N PHE B 223 -2.58 26.08 -13.41
CA PHE B 223 -2.15 27.46 -13.29
C PHE B 223 -2.89 28.43 -14.22
N GLY B 224 -3.63 27.88 -15.18
CA GLY B 224 -4.37 28.70 -16.13
C GLY B 224 -3.52 29.39 -17.20
N ASP B 225 -2.34 28.84 -17.51
CA ASP B 225 -1.50 29.36 -18.59
C ASP B 225 -2.26 29.32 -19.92
N ALA B 226 -2.16 30.39 -20.71
CA ALA B 226 -2.90 30.49 -21.97
C ALA B 226 -2.23 29.69 -23.08
N GLY B 227 -0.94 29.44 -22.92
CA GLY B 227 -0.15 28.73 -23.93
C GLY B 227 1.22 28.42 -23.36
N PRO B 228 2.00 27.59 -24.08
CA PRO B 228 3.30 27.11 -23.58
C PRO B 228 4.26 28.27 -23.29
N ASP B 229 4.17 29.35 -24.06
CA ASP B 229 5.07 30.47 -23.79
C ASP B 229 4.69 31.19 -22.49
N ALA B 230 3.41 31.14 -22.12
CA ALA B 230 2.98 31.70 -20.85
C ALA B 230 3.47 30.83 -19.70
N THR B 231 3.50 29.51 -19.93
CA THR B 231 4.06 28.59 -18.94
C THR B 231 5.53 28.95 -18.69
N ALA B 232 6.29 29.15 -19.76
CA ALA B 232 7.70 29.51 -19.62
C ALA B 232 7.89 30.82 -18.84
N ASP B 233 7.09 31.84 -19.17
CA ASP B 233 7.19 33.12 -18.48
C ASP B 233 6.96 32.96 -16.97
N ARG B 234 6.02 32.09 -16.62
CA ARG B 234 5.66 31.90 -15.22
C ARG B 234 6.85 31.36 -14.42
N TYR B 235 7.57 30.42 -14.99
CA TYR B 235 8.75 29.88 -14.33
C TYR B 235 9.93 30.86 -14.37
N ALA B 236 10.10 31.58 -15.48
CA ALA B 236 11.15 32.60 -15.51
C ALA B 236 10.95 33.65 -14.41
N ARG B 237 9.70 33.98 -14.13
CA ARG B 237 9.38 34.94 -13.06
C ARG B 237 9.82 34.45 -11.68
N ALA B 238 9.94 33.13 -11.52
CA ALA B 238 10.41 32.56 -10.26
C ALA B 238 11.92 32.41 -10.21
N GLY B 239 12.60 32.92 -11.23
CA GLY B 239 14.05 32.88 -11.27
C GLY B 239 14.64 31.73 -12.08
N VAL B 240 13.79 30.90 -12.69
CA VAL B 240 14.29 29.79 -13.50
C VAL B 240 15.05 30.33 -14.71
N ARG B 241 16.28 29.85 -14.91
CA ARG B 241 17.16 30.36 -15.95
C ARG B 241 16.87 29.69 -17.30
N SER B 242 16.52 28.41 -17.23
CA SER B 242 16.23 27.63 -18.43
C SER B 242 14.90 26.89 -18.25
N VAL B 243 13.86 27.34 -18.94
CA VAL B 243 12.56 26.67 -18.85
C VAL B 243 12.34 25.88 -20.13
N VAL B 244 12.07 24.60 -19.99
CA VAL B 244 11.83 23.72 -21.14
C VAL B 244 10.43 23.16 -21.00
N VAL B 245 9.52 23.59 -21.87
CA VAL B 245 8.12 23.22 -21.72
C VAL B 245 7.78 22.07 -22.64
N LYS B 246 7.64 20.89 -22.06
CA LYS B 246 7.20 19.71 -22.78
C LYS B 246 5.73 19.91 -23.20
N ASN B 247 5.36 19.34 -24.33
CA ASN B 247 4.12 19.77 -24.98
C ASN B 247 3.49 18.65 -25.78
N GLY B 248 3.51 17.44 -25.21
CA GLY B 248 2.90 16.30 -25.87
C GLY B 248 3.58 16.02 -27.21
N PRO B 249 2.79 15.88 -28.28
CA PRO B 249 3.31 15.65 -29.63
C PRO B 249 3.73 16.94 -30.33
N HIS B 250 3.59 18.07 -29.65
CA HIS B 250 3.85 19.37 -30.27
C HIS B 250 5.27 19.83 -29.97
N ALA B 251 5.71 20.90 -30.65
CA ALA B 251 7.06 21.45 -30.40
C ALA B 251 7.29 21.79 -28.94
N VAL B 252 8.52 21.57 -28.48
CA VAL B 252 8.92 21.96 -27.13
C VAL B 252 9.26 23.44 -27.17
N HIS B 253 8.66 24.21 -26.27
CA HIS B 253 8.95 25.63 -26.18
C HIS B 253 10.02 25.83 -25.11
N PHE B 254 10.93 26.77 -25.32
CA PHE B 254 11.87 27.12 -24.24
C PHE B 254 12.02 28.62 -24.03
N LEU B 255 12.59 28.98 -22.89
CA LEU B 255 12.84 30.37 -22.56
C LEU B 255 14.07 30.36 -21.68
N GLN B 256 15.12 31.01 -22.14
CA GLN B 256 16.36 31.03 -21.37
C GLN B 256 16.97 32.41 -21.38
N ASP B 257 17.10 33.00 -20.20
CA ASP B 257 17.59 34.38 -20.06
C ASP B 257 16.98 35.33 -21.10
N GLY B 258 15.66 35.27 -21.26
CA GLY B 258 14.97 36.20 -22.13
C GLY B 258 14.82 35.75 -23.57
N ARG B 259 15.57 34.74 -23.97
CA ARG B 259 15.51 34.25 -25.34
C ARG B 259 14.54 33.08 -25.48
N ARG B 260 13.67 33.15 -26.49
CA ARG B 260 12.67 32.12 -26.72
C ARG B 260 12.96 31.28 -27.95
N GLY B 261 12.33 30.11 -28.00
CA GLY B 261 12.36 29.29 -29.20
C GLY B 261 11.50 28.05 -29.09
N ARG B 262 11.34 27.36 -30.21
CA ARG B 262 10.65 26.09 -30.23
C ARG B 262 11.52 25.06 -30.92
N VAL B 263 11.55 23.84 -30.39
CA VAL B 263 12.28 22.74 -31.00
C VAL B 263 11.25 21.73 -31.51
N PRO B 264 11.26 21.47 -32.82
CA PRO B 264 10.27 20.54 -33.39
C PRO B 264 10.39 19.16 -32.77
N VAL B 265 9.27 18.46 -32.61
CA VAL B 265 9.28 17.06 -32.17
C VAL B 265 8.72 16.22 -33.32
N PRO B 266 9.59 15.45 -33.99
CA PRO B 266 9.21 14.54 -35.07
C PRO B 266 8.06 13.61 -34.68
N PRO B 267 7.13 13.36 -35.61
CA PRO B 267 6.00 12.48 -35.31
C PRO B 267 6.45 11.02 -35.22
N VAL B 268 5.98 10.30 -34.20
CA VAL B 268 6.28 8.87 -34.07
C VAL B 268 5.01 8.01 -34.07
N VAL B 271 2.58 5.46 -30.95
CA VAL B 271 2.70 5.91 -29.58
C VAL B 271 2.03 4.91 -28.62
N VAL B 272 2.79 3.90 -28.25
CA VAL B 272 2.31 2.77 -27.45
C VAL B 272 1.93 3.16 -26.02
N ASP B 273 2.74 4.04 -25.42
CA ASP B 273 2.77 4.16 -23.97
C ASP B 273 3.43 5.47 -23.53
N THR B 274 2.63 6.47 -23.19
CA THR B 274 3.18 7.77 -22.79
C THR B 274 3.70 7.83 -21.35
N THR B 275 3.60 6.71 -20.63
CA THR B 275 4.32 6.58 -19.37
C THR B 275 5.79 6.59 -19.71
N ALA B 276 6.60 7.17 -18.83
CA ALA B 276 8.06 7.25 -18.98
C ALA B 276 8.53 8.26 -20.02
N ALA B 277 7.59 8.80 -20.80
CA ALA B 277 7.89 9.84 -21.78
C ALA B 277 8.60 11.01 -21.12
N GLY B 278 7.95 11.62 -20.14
CA GLY B 278 8.51 12.76 -19.45
C GLY B 278 9.79 12.43 -18.70
N ASP B 279 9.83 11.27 -18.06
CA ASP B 279 11.01 10.90 -17.27
C ASP B 279 12.22 10.62 -18.15
N SER B 280 12.00 9.96 -19.29
CA SER B 280 13.06 9.74 -20.26
C SER B 280 13.47 11.04 -20.95
N PHE B 281 12.50 11.91 -21.27
CA PHE B 281 12.82 13.22 -21.83
C PHE B 281 13.77 13.97 -20.90
N ASN B 282 13.45 13.98 -19.61
CA ASN B 282 14.27 14.69 -18.64
C ASN B 282 15.69 14.19 -18.59
N ALA B 283 15.85 12.86 -18.66
CA ALA B 283 17.17 12.26 -18.61
C ALA B 283 17.95 12.65 -19.85
N GLY B 284 17.31 12.51 -21.00
CA GLY B 284 17.92 12.90 -22.26
C GLY B 284 18.36 14.35 -22.24
N LEU B 285 17.54 15.21 -21.64
CA LEU B 285 17.87 16.63 -21.59
C LEU B 285 19.08 16.85 -20.69
N LEU B 286 19.02 16.29 -19.48
CA LEU B 286 20.09 16.52 -18.50
C LEU B 286 21.42 15.92 -18.93
N ASP B 287 21.34 14.78 -19.63
CA ASP B 287 22.52 14.11 -20.17
C ASP B 287 23.24 15.02 -21.15
N SER B 288 22.46 15.67 -22.01
CA SER B 288 23.04 16.55 -23.00
C SER B 288 23.51 17.89 -22.39
N VAL B 289 22.81 18.36 -21.36
CA VAL B 289 23.25 19.58 -20.69
C VAL B 289 24.58 19.34 -19.99
N LEU B 290 24.72 18.17 -19.38
CA LEU B 290 25.96 17.83 -18.69
C LEU B 290 27.13 17.72 -19.64
N ALA B 291 26.84 17.31 -20.87
CA ALA B 291 27.84 17.22 -21.91
C ALA B 291 28.27 18.58 -22.44
N GLY B 292 27.64 19.65 -21.96
CA GLY B 292 28.00 20.99 -22.40
C GLY B 292 27.42 21.35 -23.77
N GLN B 293 26.33 20.67 -24.16
N GLN B 293 26.34 20.68 -24.16
CA GLN B 293 25.67 20.98 -25.42
CA GLN B 293 25.69 20.98 -25.44
C GLN B 293 24.72 22.15 -25.23
C GLN B 293 24.72 22.13 -25.25
N PRO B 294 24.55 22.97 -26.27
CA PRO B 294 23.60 24.10 -26.21
C PRO B 294 22.20 23.58 -25.93
N LEU B 295 21.38 24.42 -25.28
CA LEU B 295 20.05 24.02 -24.84
C LEU B 295 19.22 23.42 -25.99
N GLU B 296 19.25 24.06 -27.16
CA GLU B 296 18.46 23.58 -28.29
C GLU B 296 18.88 22.18 -28.73
N THR B 297 20.18 21.94 -28.71
CA THR B 297 20.70 20.60 -28.98
C THR B 297 20.23 19.60 -27.93
N ALA B 298 20.26 20.00 -26.66
CA ALA B 298 19.84 19.13 -25.57
C ALA B 298 18.36 18.80 -25.68
N ILE B 299 17.54 19.79 -26.05
CA ILE B 299 16.11 19.56 -26.20
C ILE B 299 15.85 18.57 -27.33
N ALA B 300 16.54 18.74 -28.45
CA ALA B 300 16.39 17.80 -29.56
C ALA B 300 16.75 16.38 -29.14
N ALA B 301 17.82 16.23 -28.37
CA ALA B 301 18.23 14.92 -27.88
C ALA B 301 17.20 14.36 -26.92
N ALA B 302 16.65 15.24 -26.08
CA ALA B 302 15.65 14.82 -25.11
C ALA B 302 14.42 14.26 -25.83
N ALA B 303 13.95 14.99 -26.84
CA ALA B 303 12.76 14.58 -27.58
C ALA B 303 13.02 13.32 -28.40
N ALA B 304 14.23 13.17 -28.93
CA ALA B 304 14.56 11.98 -29.71
C ALA B 304 14.48 10.74 -28.81
N LEU B 305 15.08 10.83 -27.62
CA LEU B 305 15.02 9.72 -26.66
C LEU B 305 13.58 9.40 -26.26
N ALA B 306 12.81 10.42 -25.90
CA ALA B 306 11.42 10.21 -25.47
C ALA B 306 10.59 9.57 -26.59
N GLY B 307 10.85 9.99 -27.83
CA GLY B 307 10.16 9.44 -28.98
C GLY B 307 10.40 7.95 -29.15
N GLN B 308 11.64 7.52 -28.90
CA GLN B 308 11.96 6.10 -29.01
C GLN B 308 11.40 5.32 -27.83
N VAL B 309 11.30 5.99 -26.68
CA VAL B 309 10.77 5.35 -25.46
C VAL B 309 9.26 5.07 -25.54
N VAL B 310 8.50 6.03 -26.06
CA VAL B 310 7.04 5.89 -26.18
C VAL B 310 6.66 4.89 -27.27
N GLN B 311 7.69 4.33 -27.92
CA GLN B 311 7.53 3.18 -28.80
C GLN B 311 8.06 1.97 -28.06
N GLY B 312 7.64 1.81 -26.81
CA GLY B 312 8.18 0.75 -25.96
C GLY B 312 7.20 0.33 -24.89
N LYS B 313 7.50 -0.80 -24.24
CA LYS B 313 6.63 -1.34 -23.22
C LYS B 313 7.14 -1.06 -21.80
N GLY B 314 6.55 -0.08 -21.12
CA GLY B 314 6.79 0.09 -19.70
C GLY B 314 7.42 1.41 -19.24
N ALA B 315 7.65 1.50 -17.94
CA ALA B 315 8.31 2.67 -17.34
C ALA B 315 9.79 2.70 -17.73
N LEU B 316 10.42 1.52 -17.66
CA LEU B 316 11.84 1.44 -17.94
C LEU B 316 12.10 0.68 -19.24
N VAL B 317 12.27 1.45 -20.31
CA VAL B 317 12.41 0.90 -21.65
C VAL B 317 13.88 0.88 -22.07
N GLU B 318 14.46 -0.32 -22.10
CA GLU B 318 15.82 -0.52 -22.59
C GLU B 318 15.94 -0.01 -24.03
N VAL B 319 16.36 1.25 -24.19
CA VAL B 319 16.42 1.85 -25.52
C VAL B 319 17.74 1.55 -26.25
#